data_3W2K
#
_entry.id   3W2K
#
_cell.length_a   68.057
_cell.length_b   71.981
_cell.length_c   128.884
_cell.angle_alpha   90.00
_cell.angle_beta   90.00
_cell.angle_gamma   90.00
#
_symmetry.space_group_name_H-M   'P 21 21 21'
#
loop_
_entity.id
_entity.type
_entity.pdbx_description
1 polymer 'Dihydroorotate dehydrogenase (fumarate)'
2 non-polymer '5-[2-(4-fluoro-3-methylphenyl)ethyl]-2,6-dioxo-1,2,3,6-tetrahydropyrimidine-4-carboxylic acid'
3 non-polymer GLYCEROL
4 non-polymer 'FLAVIN MONONUCLEOTIDE'
5 non-polymer 'COBALT HEXAMMINE(III)'
6 water water
#
_entity_poly.entity_id   1
_entity_poly.type   'polypeptide(L)'
_entity_poly.pdbx_seq_one_letter_code
;MCLKLNLLDHVFANPFMNAAGVLCSTEEDLRCMTASSSGALVSKSCTSAPRDGNPEPRYMAFPLGSINSMGLPNLGFDFY
LKYASDLHDYSKKPLFLSISGLSVEENVAMVRRLAPVAQEKGVLLELNLSCPNVPGKPQVAYDFEAMRTYLQQVSLAYGL
PFGVKMPPYFDIAHFDTAAAVLNEFPLVKFVTCVNSVGNGLVIDAESESVVIKPKQGFGGLGGKYILPTALANVNAFYRR
CPDKLVFGCGGVYSGEDAFLHILAGASMVQVGTALQEEGPGIFTRLEDELLEIMARKGYRTLEEFRGRVKTIE
;
_entity_poly.pdbx_strand_id   A,B
#
# COMPACT_ATOMS: atom_id res chain seq x y z
N MET A 1 29.87 -2.19 22.11
CA MET A 1 28.76 -2.17 21.13
C MET A 1 27.82 -3.36 21.18
N CYS A 2 26.54 -3.08 21.37
CA CYS A 2 25.61 -4.18 21.55
C CYS A 2 24.18 -3.99 21.10
N LEU A 3 23.62 -5.13 20.74
CA LEU A 3 22.28 -5.21 20.25
C LEU A 3 21.23 -5.61 21.28
N LYS A 4 21.63 -5.75 22.54
CA LYS A 4 20.74 -6.23 23.60
C LYS A 4 19.58 -5.27 23.82
N LEU A 5 18.43 -5.83 24.10
CA LEU A 5 17.27 -5.08 24.57
C LEU A 5 16.64 -5.75 25.79
N ASN A 6 16.04 -4.98 26.64
CA ASN A 6 15.29 -5.48 27.77
C ASN A 6 13.96 -4.78 27.69
N LEU A 7 12.95 -5.53 27.45
CA LEU A 7 11.63 -4.99 27.40
C LEU A 7 10.59 -6.04 27.73
N LEU A 8 9.43 -5.57 28.06
CA LEU A 8 8.32 -6.44 28.45
C LEU A 8 8.77 -7.47 29.50
N ASP A 9 9.66 -7.07 30.40
CA ASP A 9 10.24 -7.94 31.43
C ASP A 9 10.98 -9.17 30.92
N HIS A 10 11.49 -9.05 29.69
CA HIS A 10 12.38 -10.06 29.09
C HIS A 10 13.63 -9.46 28.58
N VAL A 11 14.62 -10.32 28.35
CA VAL A 11 15.88 -9.94 27.79
C VAL A 11 16.01 -10.60 26.44
N PHE A 12 16.50 -9.79 25.48
CA PHE A 12 16.64 -10.13 24.06
C PHE A 12 18.09 -9.88 23.64
N ALA A 13 18.73 -10.91 23.05
CA ALA A 13 20.12 -10.74 22.60
C ALA A 13 20.28 -9.72 21.48
N ASN A 14 19.21 -9.54 20.72
CA ASN A 14 19.21 -8.69 19.57
C ASN A 14 17.78 -8.44 19.24
N PRO A 15 17.46 -7.51 18.34
CA PRO A 15 16.05 -7.16 18.07
C PRO A 15 15.38 -8.03 17.05
N PHE A 16 16.09 -8.92 16.47
CA PHE A 16 15.57 -9.71 15.31
C PHE A 16 14.74 -10.90 15.68
N MET A 17 13.64 -11.08 14.98
CA MET A 17 12.82 -12.25 15.13
C MET A 17 12.11 -12.59 13.80
N ASN A 18 11.54 -13.77 13.64
CA ASN A 18 10.67 -14.00 12.50
C ASN A 18 9.42 -13.17 12.54
N ALA A 19 8.80 -12.88 11.40
CA ALA A 19 7.42 -12.42 11.33
C ALA A 19 6.48 -13.58 11.43
N ALA A 20 5.36 -13.38 12.10
CA ALA A 20 4.40 -14.45 12.23
C ALA A 20 4.04 -14.97 10.85
N GLY A 21 3.91 -16.27 10.79
CA GLY A 21 3.61 -16.94 9.58
C GLY A 21 4.79 -17.55 8.86
N VAL A 22 5.99 -17.05 9.11
CA VAL A 22 7.20 -17.52 8.46
C VAL A 22 8.06 -18.33 9.44
N LEU A 23 8.34 -19.57 9.02
CA LEU A 23 9.21 -20.49 9.76
C LEU A 23 8.73 -20.71 11.18
N CYS A 24 7.43 -20.92 11.32
CA CYS A 24 6.91 -21.01 12.67
C CYS A 24 5.62 -21.83 12.86
N SER A 25 5.33 -22.67 11.88
CA SER A 25 4.10 -23.44 11.92
C SER A 25 4.11 -24.81 12.65
N THR A 26 5.22 -25.50 12.53
CA THR A 26 5.41 -26.83 13.06
C THR A 26 6.40 -26.83 14.21
N GLU A 27 6.45 -27.91 14.99
CA GLU A 27 7.47 -28.06 16.03
C GLU A 27 8.88 -27.94 15.38
N GLU A 28 9.08 -28.59 14.21
CA GLU A 28 10.35 -28.52 13.52
C GLU A 28 10.72 -27.01 13.27
N ASP A 29 9.76 -26.22 12.76
CA ASP A 29 9.96 -24.83 12.45
C ASP A 29 10.36 -24.03 13.67
N LEU A 30 9.65 -24.28 14.78
CA LEU A 30 9.92 -23.53 16.03
C LEU A 30 11.24 -23.93 16.66
N ARG A 31 11.63 -25.21 16.55
CA ARG A 31 12.96 -25.63 17.00
C ARG A 31 14.04 -24.95 16.16
N CYS A 32 13.79 -24.83 14.86
CA CYS A 32 14.73 -24.14 13.93
C CYS A 32 14.92 -22.69 14.28
N MET A 33 13.82 -21.99 14.45
CA MET A 33 13.89 -20.59 14.94
C MET A 33 14.63 -20.47 16.24
N THR A 34 14.37 -21.39 17.18
CA THR A 34 14.98 -21.33 18.51
C THR A 34 16.51 -21.53 18.36
N ALA A 35 16.95 -22.44 17.44
CA ALA A 35 18.38 -22.71 17.27
C ALA A 35 19.13 -21.60 16.51
N SER A 36 18.38 -20.73 15.82
CA SER A 36 18.93 -19.61 15.04
C SER A 36 19.48 -18.53 15.96
N SER A 37 20.15 -17.57 15.30
CA SER A 37 20.67 -16.44 16.06
C SER A 37 19.65 -15.39 16.35
N SER A 38 18.39 -15.56 15.98
CA SER A 38 17.43 -14.50 16.29
C SER A 38 17.31 -14.22 17.79
N GLY A 39 16.88 -13.01 18.13
CA GLY A 39 16.70 -12.62 19.48
C GLY A 39 15.41 -13.13 20.10
N ALA A 40 14.43 -13.49 19.28
CA ALA A 40 13.14 -14.03 19.73
C ALA A 40 12.51 -14.81 18.57
N LEU A 41 11.35 -15.43 18.80
CA LEU A 41 10.53 -16.06 17.75
C LEU A 41 9.10 -15.86 18.09
N VAL A 42 8.26 -15.90 17.09
CA VAL A 42 6.81 -15.88 17.25
C VAL A 42 6.25 -17.11 16.55
N SER A 43 5.24 -17.72 17.14
CA SER A 43 4.57 -18.87 16.47
C SER A 43 3.56 -18.41 15.48
N LYS A 44 3.19 -19.25 14.52
CA LYS A 44 2.15 -19.03 13.49
C LYS A 44 0.82 -18.63 14.12
N SER A 45 0.20 -17.59 13.57
CA SER A 45 -1.15 -17.17 14.05
C SER A 45 -2.02 -18.39 14.00
N CYS A 46 -2.71 -18.65 15.11
CA CYS A 46 -3.53 -19.85 15.20
C CYS A 46 -5.03 -19.56 15.46
N THR A 47 -5.81 -20.60 15.13
CA THR A 47 -7.21 -20.70 15.45
C THR A 47 -7.41 -21.83 16.46
N SER A 48 -8.66 -21.88 16.96
CA SER A 48 -8.97 -22.94 17.94
C SER A 48 -8.74 -24.29 17.39
N ALA A 49 -9.23 -24.52 16.17
CA ALA A 49 -9.00 -25.78 15.50
C ALA A 49 -7.92 -25.72 14.44
N PRO A 50 -7.29 -26.82 14.12
CA PRO A 50 -6.36 -26.89 12.98
C PRO A 50 -7.04 -26.48 11.65
N ARG A 51 -6.27 -25.83 10.75
CA ARG A 51 -6.70 -25.48 9.40
C ARG A 51 -5.70 -25.94 8.41
N ASP A 52 -6.21 -26.44 7.29
CA ASP A 52 -5.36 -26.79 6.14
C ASP A 52 -4.96 -25.54 5.31
N GLY A 53 -5.77 -24.50 5.42
CA GLY A 53 -5.50 -23.31 4.64
C GLY A 53 -5.99 -23.49 3.22
N ASN A 54 -5.58 -22.52 2.38
CA ASN A 54 -6.06 -22.45 1.04
C ASN A 54 -5.31 -23.37 0.07
N PRO A 55 -5.92 -23.61 -1.07
CA PRO A 55 -5.18 -24.39 -2.05
C PRO A 55 -3.92 -23.75 -2.60
N GLU A 56 -2.95 -24.58 -2.93
CA GLU A 56 -1.70 -24.12 -3.54
C GLU A 56 -1.82 -24.00 -5.03
N PRO A 57 -0.98 -23.12 -5.72
CA PRO A 57 -0.01 -22.32 -4.97
C PRO A 57 -0.60 -21.12 -4.22
N ARG A 58 -0.09 -20.84 -3.05
CA ARG A 58 -0.67 -19.81 -2.21
C ARG A 58 0.33 -18.79 -1.69
N TYR A 59 1.59 -19.05 -1.99
CA TYR A 59 2.69 -18.11 -1.75
C TYR A 59 3.63 -18.11 -2.93
N MET A 60 4.06 -16.92 -3.33
CA MET A 60 5.10 -16.80 -4.35
C MET A 60 6.03 -15.62 -4.06
N ALA A 61 7.30 -15.77 -4.39
CA ALA A 61 8.30 -14.72 -4.13
C ALA A 61 9.04 -14.35 -5.43
N PHE A 62 9.47 -13.12 -5.48
CA PHE A 62 10.07 -12.49 -6.65
C PHE A 62 11.13 -11.51 -6.13
N PRO A 63 11.95 -10.95 -7.05
CA PRO A 63 13.00 -10.10 -6.58
C PRO A 63 12.58 -8.96 -5.66
N LEU A 64 11.41 -8.40 -5.87
CA LEU A 64 10.97 -7.27 -5.04
C LEU A 64 10.11 -7.63 -3.84
N GLY A 65 9.72 -8.90 -3.74
CA GLY A 65 8.92 -9.31 -2.56
C GLY A 65 8.06 -10.48 -2.82
N SER A 66 6.97 -10.63 -2.08
CA SER A 66 6.18 -11.82 -2.07
C SER A 66 4.68 -11.41 -2.08
N ILE A 67 3.91 -12.42 -2.42
CA ILE A 67 2.45 -12.36 -2.35
C ILE A 67 1.96 -13.64 -1.70
N ASN A 68 0.94 -13.55 -0.87
CA ASN A 68 0.44 -14.78 -0.23
C ASN A 68 -1.08 -14.63 0.02
N SER A 69 -1.83 -15.72 -0.19
CA SER A 69 -3.14 -15.91 0.40
C SER A 69 -3.16 -17.29 1.04
N MET A 70 -2.43 -17.40 2.14
CA MET A 70 -2.29 -18.71 2.78
C MET A 70 -3.58 -19.31 3.32
N GLY A 71 -4.45 -18.48 3.85
CA GLY A 71 -5.66 -18.96 4.49
C GLY A 71 -5.54 -19.50 5.90
N LEU A 72 -4.53 -19.01 6.57
CA LEU A 72 -4.23 -19.36 7.92
C LEU A 72 -4.09 -20.83 8.20
N PRO A 73 -3.26 -21.49 7.42
CA PRO A 73 -2.98 -22.90 7.79
C PRO A 73 -2.23 -22.93 9.14
N ASN A 74 -2.63 -23.81 10.06
CA ASN A 74 -2.00 -23.91 11.34
C ASN A 74 -2.41 -25.20 12.06
N LEU A 75 -1.63 -25.57 13.06
CA LEU A 75 -1.87 -26.80 13.77
C LEU A 75 -2.89 -26.72 14.92
N GLY A 76 -3.47 -25.56 15.10
CA GLY A 76 -4.46 -25.36 16.14
C GLY A 76 -3.81 -24.86 17.44
N PHE A 77 -4.62 -24.18 18.21
CA PHE A 77 -4.18 -23.52 19.43
C PHE A 77 -3.59 -24.53 20.40
N ASP A 78 -4.18 -25.68 20.54
CA ASP A 78 -3.69 -26.60 21.54
C ASP A 78 -2.25 -26.92 21.26
N PHE A 79 -1.90 -27.06 19.99
CA PHE A 79 -0.51 -27.34 19.69
C PHE A 79 0.46 -26.19 20.10
N TYR A 80 0.09 -24.98 19.75
CA TYR A 80 0.96 -23.85 20.10
C TYR A 80 1.05 -23.59 21.58
N LEU A 81 -0.06 -23.85 22.27
CA LEU A 81 -0.08 -23.74 23.74
C LEU A 81 0.81 -24.77 24.40
N LYS A 82 0.82 -25.99 23.88
CA LYS A 82 1.68 -27.05 24.39
C LYS A 82 3.13 -26.68 24.11
N TYR A 83 3.41 -26.13 22.95
CA TYR A 83 4.78 -25.75 22.67
C TYR A 83 5.25 -24.73 23.70
N ALA A 84 4.43 -23.75 23.95
CA ALA A 84 4.78 -22.73 24.92
C ALA A 84 4.94 -23.28 26.37
N SER A 85 4.01 -24.14 26.71
CA SER A 85 3.94 -24.71 28.00
C SER A 85 5.01 -25.75 28.35
N ASP A 86 5.26 -26.65 27.40
CA ASP A 86 6.09 -27.80 27.64
C ASP A 86 7.36 -27.92 26.81
N LEU A 87 7.38 -27.36 25.61
CA LEU A 87 8.46 -27.63 24.68
C LEU A 87 9.52 -26.58 24.49
N HIS A 88 9.13 -25.33 24.57
CA HIS A 88 10.03 -24.21 24.25
C HIS A 88 11.07 -24.12 25.37
N ASP A 89 12.32 -23.89 24.91
CA ASP A 89 13.41 -23.61 25.82
C ASP A 89 13.59 -22.11 26.03
N TYR A 90 13.03 -21.60 27.11
CA TYR A 90 13.05 -20.19 27.47
C TYR A 90 14.49 -19.69 27.83
N SER A 91 15.38 -20.63 28.15
CA SER A 91 16.76 -20.21 28.40
C SER A 91 17.40 -19.73 27.06
N LYS A 92 16.89 -20.12 25.90
CA LYS A 92 17.47 -19.72 24.66
C LYS A 92 17.08 -18.30 24.21
N LYS A 93 15.77 -18.05 24.24
CA LYS A 93 15.23 -16.80 23.88
C LYS A 93 13.73 -16.71 24.18
N PRO A 94 13.15 -15.50 24.22
CA PRO A 94 11.72 -15.33 24.42
C PRO A 94 10.89 -15.82 23.30
N LEU A 95 9.67 -16.23 23.64
CA LEU A 95 8.65 -16.72 22.70
C LEU A 95 7.46 -15.80 22.73
N PHE A 96 6.97 -15.43 21.55
CA PHE A 96 5.68 -14.83 21.33
C PHE A 96 4.78 -15.88 20.70
N LEU A 97 3.49 -15.89 21.10
CA LEU A 97 2.48 -16.71 20.51
C LEU A 97 1.48 -15.82 19.84
N SER A 98 1.25 -15.99 18.54
CA SER A 98 0.29 -15.19 17.82
C SER A 98 -1.05 -15.91 17.70
N ILE A 99 -2.14 -15.20 17.93
CA ILE A 99 -3.45 -15.72 17.75
C ILE A 99 -4.23 -14.94 16.72
N SER A 100 -5.09 -15.65 15.97
CA SER A 100 -5.90 -14.96 14.99
C SER A 100 -7.23 -15.66 14.81
N GLY A 101 -8.03 -15.67 15.86
CA GLY A 101 -9.39 -16.22 15.79
C GLY A 101 -10.27 -15.50 14.79
N LEU A 102 -11.26 -16.29 14.34
CA LEU A 102 -12.20 -15.82 13.31
C LEU A 102 -13.42 -15.05 13.82
N SER A 103 -13.49 -14.92 15.13
CA SER A 103 -14.52 -14.20 15.83
C SER A 103 -13.94 -13.72 17.15
N VAL A 104 -14.59 -12.74 17.79
CA VAL A 104 -14.12 -12.27 19.08
C VAL A 104 -14.22 -13.43 20.08
N GLU A 105 -15.30 -14.23 20.00
CA GLU A 105 -15.43 -15.30 20.92
C GLU A 105 -14.29 -16.34 20.85
N GLU A 106 -13.86 -16.70 19.65
CA GLU A 106 -12.73 -17.65 19.45
C GLU A 106 -11.45 -17.06 20.10
N ASN A 107 -11.21 -15.80 19.89
CA ASN A 107 -10.04 -15.17 20.52
C ASN A 107 -10.13 -15.18 22.00
N VAL A 108 -11.31 -14.83 22.58
CA VAL A 108 -11.50 -14.83 24.03
C VAL A 108 -11.22 -16.25 24.61
N ALA A 109 -11.68 -17.27 23.94
CA ALA A 109 -11.48 -18.58 24.46
C ALA A 109 -10.01 -18.96 24.49
N MET A 110 -9.28 -18.60 23.44
CA MET A 110 -7.87 -18.90 23.43
C MET A 110 -7.07 -18.16 24.52
N VAL A 111 -7.32 -16.87 24.62
CA VAL A 111 -6.57 -16.06 25.57
C VAL A 111 -6.86 -16.46 27.04
N ARG A 112 -8.07 -16.94 27.27
CA ARG A 112 -8.38 -17.40 28.61
C ARG A 112 -7.51 -18.53 29.04
N ARG A 113 -7.24 -19.42 28.10
CA ARG A 113 -6.40 -20.57 28.33
C ARG A 113 -4.88 -20.30 28.20
N LEU A 114 -4.53 -19.28 27.44
CA LEU A 114 -3.14 -18.80 27.40
C LEU A 114 -2.66 -18.14 28.71
N ALA A 115 -3.55 -17.41 29.35
CA ALA A 115 -3.20 -16.58 30.45
C ALA A 115 -2.31 -17.31 31.49
N PRO A 116 -2.73 -18.46 32.05
CA PRO A 116 -1.85 -19.06 33.08
C PRO A 116 -0.49 -19.49 32.59
N VAL A 117 -0.38 -19.88 31.32
CA VAL A 117 0.88 -20.24 30.74
C VAL A 117 1.73 -18.98 30.50
N ALA A 118 1.13 -17.88 30.09
CA ALA A 118 1.81 -16.58 30.04
C ALA A 118 2.35 -16.20 31.35
N GLN A 119 1.52 -16.29 32.40
CA GLN A 119 2.02 -15.99 33.75
C GLN A 119 3.08 -16.89 34.30
N GLU A 120 3.03 -18.18 34.06
CA GLU A 120 4.00 -19.08 34.59
C GLU A 120 5.24 -19.19 33.79
N LYS A 121 5.13 -19.12 32.46
CA LYS A 121 6.31 -19.35 31.60
C LYS A 121 6.84 -18.09 30.93
N GLY A 122 6.02 -17.08 30.81
CA GLY A 122 6.44 -15.79 30.26
C GLY A 122 6.24 -15.69 28.73
N VAL A 123 5.53 -16.63 28.11
CA VAL A 123 5.15 -16.42 26.72
C VAL A 123 4.38 -15.17 26.54
N LEU A 124 4.60 -14.45 25.46
CA LEU A 124 4.06 -13.19 25.16
C LEU A 124 3.03 -13.26 24.07
N LEU A 125 1.87 -12.75 24.30
CA LEU A 125 0.83 -12.75 23.29
C LEU A 125 0.90 -11.64 22.23
N GLU A 126 0.81 -12.02 20.93
CA GLU A 126 0.62 -11.09 19.78
C GLU A 126 -0.74 -11.44 19.19
N LEU A 127 -1.69 -10.51 19.29
CA LEU A 127 -3.05 -10.65 18.72
C LEU A 127 -3.06 -10.07 17.33
N ASN A 128 -3.34 -10.89 16.34
CA ASN A 128 -3.39 -10.43 14.97
C ASN A 128 -4.75 -9.87 14.60
N LEU A 129 -4.79 -8.55 14.39
CA LEU A 129 -6.06 -7.92 14.07
C LEU A 129 -6.24 -7.73 12.61
N SER A 130 -5.23 -8.12 11.85
CA SER A 130 -5.14 -7.83 10.45
C SER A 130 -5.65 -9.08 9.89
N CYS A 131 -6.93 -9.28 10.05
CA CYS A 131 -7.54 -10.50 9.96
C CYS A 131 -9.13 -10.47 9.67
N PRO A 132 -9.65 -11.44 8.93
CA PRO A 132 -11.10 -11.52 8.68
C PRO A 132 -12.04 -11.58 9.86
N ASN A 133 -13.15 -10.88 9.72
CA ASN A 133 -14.25 -10.99 10.63
C ASN A 133 -15.44 -11.49 9.81
N VAL A 134 -16.53 -10.76 9.74
CA VAL A 134 -17.64 -11.21 8.92
C VAL A 134 -17.29 -11.00 7.45
N PRO A 135 -17.46 -12.09 6.57
CA PRO A 135 -17.17 -11.79 5.15
C PRO A 135 -18.10 -10.70 4.56
N GLY A 136 -17.57 -9.83 3.72
CA GLY A 136 -18.18 -8.60 3.29
C GLY A 136 -17.98 -7.40 4.11
N LYS A 137 -17.38 -7.62 5.29
CA LYS A 137 -16.91 -6.51 6.08
C LYS A 137 -15.35 -6.53 5.91
N PRO A 138 -14.80 -5.32 6.16
CA PRO A 138 -13.31 -5.20 6.16
C PRO A 138 -12.68 -6.02 7.26
N GLN A 139 -11.39 -6.31 7.12
CA GLN A 139 -10.66 -6.96 8.12
C GLN A 139 -10.78 -6.15 9.48
N VAL A 140 -10.63 -6.87 10.60
CA VAL A 140 -10.94 -6.32 11.91
C VAL A 140 -10.31 -4.93 12.15
N ALA A 141 -9.04 -4.77 11.80
CA ALA A 141 -8.36 -3.53 12.08
C ALA A 141 -8.67 -2.40 11.09
N TYR A 142 -9.46 -2.70 10.07
CA TYR A 142 -10.02 -1.70 9.20
C TYR A 142 -11.48 -1.36 9.58
N ASP A 143 -11.93 -1.93 10.68
CA ASP A 143 -13.27 -1.68 11.21
C ASP A 143 -13.09 -1.29 12.67
N PHE A 144 -13.01 0.01 12.92
CA PHE A 144 -12.57 0.50 14.20
C PHE A 144 -13.49 0.08 15.34
N GLU A 145 -14.78 0.01 15.08
CA GLU A 145 -15.65 -0.47 16.11
C GLU A 145 -15.41 -1.91 16.44
N ALA A 146 -15.20 -2.74 15.44
CA ALA A 146 -14.87 -4.12 15.71
C ALA A 146 -13.54 -4.23 16.46
N MET A 147 -12.57 -3.42 16.06
CA MET A 147 -11.29 -3.48 16.70
C MET A 147 -11.43 -3.15 18.18
N ARG A 148 -12.21 -2.15 18.48
CA ARG A 148 -12.46 -1.79 19.88
C ARG A 148 -13.07 -2.92 20.68
N THR A 149 -14.07 -3.57 20.08
CA THR A 149 -14.73 -4.73 20.74
C THR A 149 -13.73 -5.83 20.99
N TYR A 150 -12.94 -6.16 19.96
CA TYR A 150 -11.98 -7.23 20.19
C TYR A 150 -11.02 -6.94 21.34
N LEU A 151 -10.48 -5.73 21.35
CA LEU A 151 -9.56 -5.33 22.39
C LEU A 151 -10.15 -5.23 23.81
N GLN A 152 -11.41 -4.76 23.87
CA GLN A 152 -12.09 -4.79 25.14
C GLN A 152 -12.29 -6.24 25.66
N GLN A 153 -12.67 -7.12 24.78
CA GLN A 153 -12.97 -8.46 25.21
C GLN A 153 -11.72 -9.25 25.49
N VAL A 154 -10.65 -9.06 24.69
CA VAL A 154 -9.45 -9.76 24.98
C VAL A 154 -8.74 -9.21 26.21
N SER A 155 -8.81 -7.92 26.39
CA SER A 155 -8.23 -7.34 27.60
C SER A 155 -8.87 -7.92 28.91
N LEU A 156 -10.22 -7.94 28.92
CA LEU A 156 -10.94 -8.51 30.06
C LEU A 156 -10.61 -9.98 30.28
N ALA A 157 -10.54 -10.78 29.21
CA ALA A 157 -10.33 -12.20 29.29
C ALA A 157 -8.94 -12.61 29.64
N TYR A 158 -7.97 -11.83 29.17
CA TYR A 158 -6.57 -12.17 29.30
C TYR A 158 -5.98 -11.58 30.58
N GLY A 159 -6.15 -10.26 30.73
CA GLY A 159 -5.78 -9.63 32.00
C GLY A 159 -4.28 -9.38 32.22
N LEU A 160 -3.47 -9.49 31.14
CA LEU A 160 -1.99 -9.45 31.18
C LEU A 160 -1.54 -8.63 30.00
N PRO A 161 -0.34 -8.08 30.12
CA PRO A 161 0.18 -7.29 28.97
C PRO A 161 0.27 -8.15 27.70
N PHE A 162 -0.12 -7.54 26.58
CA PHE A 162 -0.10 -8.23 25.29
C PHE A 162 0.25 -7.20 24.23
N GLY A 163 0.43 -7.66 23.00
CA GLY A 163 0.61 -6.80 21.83
C GLY A 163 -0.34 -7.13 20.68
N VAL A 164 -0.36 -6.24 19.68
CA VAL A 164 -1.26 -6.38 18.55
C VAL A 164 -0.47 -6.26 17.23
N LYS A 165 -0.81 -7.07 16.27
CA LYS A 165 -0.23 -6.97 14.92
C LYS A 165 -1.26 -6.21 14.07
N MET A 166 -0.83 -5.11 13.44
CA MET A 166 -1.67 -4.21 12.67
C MET A 166 -1.40 -4.25 11.19
N PRO A 167 -2.45 -4.09 10.37
CA PRO A 167 -2.23 -3.92 8.97
C PRO A 167 -1.73 -2.50 8.75
N PRO A 168 -1.15 -2.23 7.60
CA PRO A 168 -0.81 -0.88 7.28
C PRO A 168 -2.01 0.02 7.03
N TYR A 169 -1.86 1.30 7.35
CA TYR A 169 -2.80 2.33 7.00
C TYR A 169 -2.17 3.31 6.03
N PHE A 170 -2.99 4.07 5.33
CA PHE A 170 -2.56 4.88 4.19
C PHE A 170 -3.10 6.34 4.26
N ASP A 171 -3.77 6.67 5.36
CA ASP A 171 -4.48 7.98 5.49
C ASP A 171 -4.13 8.40 6.93
N ILE A 172 -3.78 9.66 7.08
CA ILE A 172 -3.49 10.28 8.38
C ILE A 172 -4.65 10.10 9.34
N ALA A 173 -5.87 10.23 8.81
CA ALA A 173 -7.06 10.15 9.70
C ALA A 173 -7.10 8.78 10.31
N HIS A 174 -6.77 7.75 9.49
CA HIS A 174 -6.68 6.37 10.01
C HIS A 174 -5.62 6.12 11.02
N PHE A 175 -4.44 6.67 10.82
CA PHE A 175 -3.40 6.66 11.84
C PHE A 175 -3.95 7.23 13.13
N ASP A 176 -4.58 8.40 13.00
CA ASP A 176 -5.08 9.06 14.22
C ASP A 176 -6.10 8.23 14.95
N THR A 177 -7.07 7.70 14.24
CA THR A 177 -8.15 6.93 14.83
C THR A 177 -7.63 5.62 15.38
N ALA A 178 -6.82 4.88 14.59
CA ALA A 178 -6.30 3.60 15.07
C ALA A 178 -5.51 3.75 16.33
N ALA A 179 -4.61 4.73 16.39
CA ALA A 179 -3.82 4.89 17.56
C ALA A 179 -4.64 5.33 18.74
N ALA A 180 -5.63 6.15 18.56
CA ALA A 180 -6.56 6.47 19.63
C ALA A 180 -7.28 5.27 20.15
N VAL A 181 -7.73 4.36 19.28
CA VAL A 181 -8.30 3.12 19.78
C VAL A 181 -7.31 2.37 20.63
N LEU A 182 -6.11 2.09 20.13
CA LEU A 182 -5.10 1.36 20.88
C LEU A 182 -4.82 1.98 22.23
N ASN A 183 -4.78 3.30 22.25
CA ASN A 183 -4.45 4.02 23.48
C ASN A 183 -5.55 3.93 24.60
N GLU A 184 -6.69 3.47 24.25
CA GLU A 184 -7.78 3.14 25.22
C GLU A 184 -7.43 1.94 26.04
N PHE A 185 -6.43 1.10 25.65
CA PHE A 185 -6.17 -0.21 26.24
C PHE A 185 -4.83 -0.25 26.83
N PRO A 186 -4.74 -0.05 28.13
CA PRO A 186 -3.44 -0.04 28.79
C PRO A 186 -2.67 -1.39 28.79
N LEU A 187 -3.40 -2.47 28.60
CA LEU A 187 -2.72 -3.77 28.50
C LEU A 187 -2.03 -3.99 27.14
N VAL A 188 -2.34 -3.18 26.16
CA VAL A 188 -1.64 -3.29 24.83
C VAL A 188 -0.33 -2.58 25.02
N LYS A 189 0.69 -3.39 25.24
CA LYS A 189 2.01 -2.86 25.47
C LYS A 189 2.91 -2.76 24.29
N PHE A 190 2.65 -3.48 23.25
CA PHE A 190 3.37 -3.32 21.96
C PHE A 190 2.45 -3.41 20.76
N VAL A 191 2.86 -2.76 19.68
CA VAL A 191 2.13 -2.69 18.48
C VAL A 191 3.11 -3.06 17.39
N THR A 192 2.79 -4.10 16.61
CA THR A 192 3.64 -4.54 15.51
C THR A 192 3.09 -4.00 14.21
N CYS A 193 3.89 -3.19 13.52
CA CYS A 193 3.55 -2.51 12.28
C CYS A 193 4.56 -2.94 11.28
N VAL A 194 4.23 -3.73 10.25
CA VAL A 194 2.92 -4.01 9.73
C VAL A 194 2.76 -5.43 9.20
N ASN A 195 1.53 -5.83 9.11
CA ASN A 195 1.17 -7.03 8.37
C ASN A 195 1.30 -6.69 6.85
N SER A 196 1.01 -7.67 6.02
CA SER A 196 1.14 -7.48 4.59
C SER A 196 0.24 -6.38 4.02
N VAL A 197 0.68 -5.80 2.91
CA VAL A 197 -0.14 -4.79 2.25
C VAL A 197 -1.20 -5.55 1.45
N GLY A 198 -2.44 -5.31 1.84
CA GLY A 198 -3.54 -6.22 1.42
C GLY A 198 -3.87 -6.19 -0.03
N ASN A 199 -4.23 -7.39 -0.52
CA ASN A 199 -4.87 -7.54 -1.81
C ASN A 199 -4.17 -6.88 -2.99
N GLY A 200 -2.90 -7.10 -3.08
CA GLY A 200 -2.18 -6.83 -4.30
C GLY A 200 -2.42 -7.92 -5.31
N LEU A 201 -1.88 -7.75 -6.51
CA LEU A 201 -2.07 -8.71 -7.58
C LEU A 201 -0.81 -8.80 -8.39
N VAL A 202 -0.13 -9.95 -8.36
CA VAL A 202 1.03 -10.18 -9.25
C VAL A 202 0.58 -10.97 -10.50
N ILE A 203 1.02 -10.49 -11.63
CA ILE A 203 0.77 -11.20 -12.87
C ILE A 203 2.08 -11.48 -13.59
N ASP A 204 2.15 -12.67 -14.13
CA ASP A 204 3.30 -13.11 -14.86
C ASP A 204 3.06 -12.85 -16.36
N ALA A 205 3.92 -12.07 -16.96
CA ALA A 205 3.75 -11.67 -18.33
C ALA A 205 3.81 -12.82 -19.32
N GLU A 206 4.69 -13.78 -19.09
CA GLU A 206 4.82 -14.85 -20.07
C GLU A 206 3.58 -15.71 -20.17
N SER A 207 3.07 -16.09 -19.02
CA SER A 207 1.94 -16.94 -18.97
C SER A 207 0.61 -16.23 -18.99
N GLU A 208 0.69 -14.93 -18.78
CA GLU A 208 -0.47 -14.08 -18.74
C GLU A 208 -1.43 -14.43 -17.65
N SER A 209 -0.85 -14.93 -16.57
CA SER A 209 -1.58 -15.49 -15.48
C SER A 209 -1.21 -14.90 -14.12
N VAL A 210 -2.19 -14.80 -13.24
CA VAL A 210 -1.89 -14.60 -11.81
C VAL A 210 -1.00 -15.77 -11.30
N VAL A 211 -0.38 -15.55 -10.15
CA VAL A 211 0.64 -16.49 -9.67
C VAL A 211 0.23 -17.30 -8.43
N ILE A 212 -0.89 -16.91 -7.80
CA ILE A 212 -1.40 -17.70 -6.72
C ILE A 212 -2.85 -18.07 -7.10
N LYS A 213 -3.32 -19.18 -6.56
CA LYS A 213 -4.61 -19.73 -6.88
C LYS A 213 -5.77 -19.13 -6.10
N PRO A 214 -5.64 -18.92 -4.78
CA PRO A 214 -6.82 -18.36 -4.09
C PRO A 214 -7.18 -16.97 -4.55
N LYS A 215 -8.44 -16.57 -4.37
CA LYS A 215 -8.87 -15.17 -4.44
C LYS A 215 -8.53 -14.58 -5.83
N GLN A 216 -8.58 -15.43 -6.87
CA GLN A 216 -8.35 -14.91 -8.26
C GLN A 216 -6.96 -14.27 -8.38
N GLY A 217 -6.01 -14.67 -7.55
CA GLY A 217 -4.62 -14.15 -7.54
C GLY A 217 -4.38 -13.02 -6.60
N PHE A 218 -5.40 -12.50 -5.93
CA PHE A 218 -5.20 -11.41 -5.00
C PHE A 218 -4.57 -11.94 -3.71
N GLY A 219 -3.62 -11.17 -3.13
CA GLY A 219 -3.01 -11.55 -1.86
C GLY A 219 -2.22 -10.46 -1.20
N GLY A 220 -1.78 -10.79 0.01
CA GLY A 220 -1.03 -9.76 0.69
C GLY A 220 0.40 -9.68 0.24
N LEU A 221 0.93 -8.47 0.17
CA LEU A 221 2.28 -8.22 -0.33
C LEU A 221 3.26 -8.00 0.81
N GLY A 222 4.42 -8.59 0.70
CA GLY A 222 5.55 -8.35 1.55
C GLY A 222 6.82 -8.06 0.79
N GLY A 223 7.87 -7.71 1.54
CA GLY A 223 9.17 -7.52 1.03
C GLY A 223 9.52 -6.09 0.56
N LYS A 224 10.36 -5.98 -0.48
CA LYS A 224 10.90 -4.67 -0.83
C LYS A 224 9.79 -3.69 -1.24
N TYR A 225 8.68 -4.22 -1.80
CA TYR A 225 7.52 -3.36 -2.13
C TYR A 225 7.06 -2.49 -0.98
N ILE A 226 7.15 -3.00 0.25
CA ILE A 226 6.43 -2.44 1.40
C ILE A 226 7.29 -1.68 2.41
N LEU A 227 8.59 -1.54 2.21
CA LEU A 227 9.43 -0.95 3.23
C LEU A 227 9.02 0.48 3.57
N PRO A 228 8.81 1.37 2.57
CA PRO A 228 8.43 2.74 3.03
C PRO A 228 7.03 2.77 3.69
N THR A 229 6.09 1.91 3.32
CA THR A 229 4.79 1.78 4.00
C THR A 229 5.00 1.33 5.46
N ALA A 230 5.86 0.31 5.57
CA ALA A 230 6.19 -0.20 6.92
C ALA A 230 6.78 0.91 7.85
N LEU A 231 7.77 1.63 7.28
CA LEU A 231 8.44 2.63 8.07
C LEU A 231 7.44 3.71 8.49
N ALA A 232 6.56 4.13 7.56
CA ALA A 232 5.60 5.14 7.87
C ALA A 232 4.72 4.71 9.11
N ASN A 233 4.26 3.46 9.03
CA ASN A 233 3.36 2.93 10.08
C ASN A 233 4.06 2.87 11.39
N VAL A 234 5.30 2.36 11.33
CA VAL A 234 6.12 2.34 12.61
C VAL A 234 6.17 3.75 13.17
N ASN A 235 6.58 4.71 12.34
CA ASN A 235 6.82 6.05 12.92
C ASN A 235 5.50 6.68 13.37
N ALA A 236 4.42 6.45 12.61
CA ALA A 236 3.11 7.03 12.92
C ALA A 236 2.67 6.51 14.28
N PHE A 237 2.77 5.23 14.57
CA PHE A 237 2.36 4.71 15.86
C PHE A 237 3.37 5.03 16.97
N TYR A 238 4.63 5.07 16.64
CA TYR A 238 5.65 5.56 17.54
C TYR A 238 5.37 6.90 18.13
N ARG A 239 5.02 7.80 17.23
CA ARG A 239 4.66 9.20 17.62
C ARG A 239 3.37 9.17 18.43
N ARG A 240 2.36 8.42 18.04
CA ARG A 240 1.00 8.50 18.61
C ARG A 240 0.80 7.71 19.86
N CYS A 241 1.67 6.73 20.12
CA CYS A 241 1.51 5.83 21.30
C CYS A 241 2.73 5.87 22.18
N PRO A 242 2.92 6.97 22.90
CA PRO A 242 4.16 7.16 23.65
C PRO A 242 4.26 6.20 24.86
N ASP A 243 3.19 5.58 25.29
CA ASP A 243 3.33 4.59 26.39
C ASP A 243 3.37 3.20 25.94
N LYS A 244 3.56 2.92 24.62
CA LYS A 244 3.66 1.61 24.11
C LYS A 244 4.96 1.43 23.36
N LEU A 245 5.35 0.17 23.17
CA LEU A 245 6.44 -0.19 22.27
C LEU A 245 5.85 -0.40 20.86
N VAL A 246 6.70 -0.13 19.86
CA VAL A 246 6.41 -0.47 18.49
C VAL A 246 7.44 -1.47 18.01
N PHE A 247 6.96 -2.54 17.42
CA PHE A 247 7.81 -3.47 16.74
C PHE A 247 7.61 -3.25 15.21
N GLY A 248 8.71 -3.29 14.50
CA GLY A 248 8.69 -3.07 13.08
C GLY A 248 8.74 -4.35 12.26
N CYS A 249 7.90 -4.39 11.24
CA CYS A 249 7.83 -5.52 10.32
C CYS A 249 7.54 -4.97 8.91
N GLY A 250 8.34 -5.39 7.97
CA GLY A 250 8.11 -5.09 6.55
C GLY A 250 9.32 -4.68 5.83
N GLY A 251 9.62 -5.43 4.76
CA GLY A 251 10.71 -5.02 3.86
C GLY A 251 12.10 -5.13 4.43
N VAL A 252 12.34 -5.87 5.52
CA VAL A 252 13.72 -6.03 6.05
C VAL A 252 14.47 -7.13 5.33
N TYR A 253 15.51 -6.72 4.61
CA TYR A 253 16.45 -7.67 4.01
C TYR A 253 17.87 -7.41 4.42
N SER A 254 18.15 -6.36 5.11
CA SER A 254 19.54 -6.02 5.46
C SER A 254 19.57 -5.37 6.83
N GLY A 255 20.80 -5.24 7.32
CA GLY A 255 20.97 -4.47 8.52
C GLY A 255 20.61 -3.01 8.34
N GLU A 256 20.83 -2.45 7.17
CA GLU A 256 20.40 -1.06 6.85
C GLU A 256 18.91 -0.87 6.91
N ASP A 257 18.14 -1.85 6.40
CA ASP A 257 16.71 -1.76 6.49
C ASP A 257 16.25 -1.81 7.98
N ALA A 258 16.91 -2.65 8.76
CA ALA A 258 16.67 -2.76 10.18
C ALA A 258 16.93 -1.45 10.87
N PHE A 259 18.07 -0.87 10.51
CA PHE A 259 18.49 0.44 11.08
C PHE A 259 17.40 1.52 10.84
N LEU A 260 16.83 1.54 9.62
CA LEU A 260 15.77 2.48 9.31
C LEU A 260 14.51 2.25 10.13
N HIS A 261 14.09 0.99 10.28
CA HIS A 261 13.05 0.66 11.21
C HIS A 261 13.25 1.16 12.63
N ILE A 262 14.48 0.96 13.10
CA ILE A 262 14.78 1.38 14.48
C ILE A 262 14.79 2.92 14.60
N LEU A 263 15.37 3.61 13.63
CA LEU A 263 15.31 5.10 13.56
C LEU A 263 13.87 5.59 13.56
N ALA A 264 12.94 4.87 12.90
CA ALA A 264 11.53 5.17 12.89
C ALA A 264 10.83 4.94 14.18
N GLY A 265 11.42 4.15 15.07
CA GLY A 265 10.80 3.84 16.35
C GLY A 265 10.75 2.38 16.83
N ALA A 266 11.17 1.49 15.95
CA ALA A 266 11.10 0.07 16.26
C ALA A 266 11.96 -0.40 17.44
N SER A 267 11.37 -1.29 18.25
CA SER A 267 12.13 -1.99 19.26
C SER A 267 12.54 -3.34 18.65
N MET A 268 11.64 -4.26 18.59
CA MET A 268 11.93 -5.47 17.88
C MET A 268 11.77 -5.24 16.36
N VAL A 269 12.50 -6.01 15.59
CA VAL A 269 12.41 -5.96 14.13
C VAL A 269 12.18 -7.39 13.60
N GLN A 270 11.04 -7.54 12.92
CA GLN A 270 10.57 -8.86 12.44
C GLN A 270 10.97 -8.97 10.95
N VAL A 271 11.18 -10.20 10.50
CA VAL A 271 11.63 -10.55 9.17
C VAL A 271 10.76 -11.67 8.64
N GLY A 272 10.06 -11.33 7.59
CA GLY A 272 9.11 -12.25 6.92
C GLY A 272 9.67 -12.78 5.61
N THR A 273 9.31 -12.12 4.53
CA THR A 273 9.70 -12.55 3.20
C THR A 273 11.17 -12.85 3.05
N ALA A 274 12.03 -12.00 3.57
CA ALA A 274 13.47 -12.24 3.42
C ALA A 274 13.93 -13.51 4.10
N LEU A 275 13.34 -13.82 5.27
CA LEU A 275 13.59 -15.05 5.93
C LEU A 275 13.04 -16.24 5.19
N GLN A 276 11.83 -16.15 4.72
CA GLN A 276 11.24 -17.20 3.91
C GLN A 276 12.16 -17.52 2.73
N GLU A 277 12.82 -16.52 2.12
CA GLU A 277 13.63 -16.71 0.94
C GLU A 277 15.05 -17.18 1.30
N GLU A 278 15.67 -16.61 2.33
CA GLU A 278 17.07 -16.88 2.63
C GLU A 278 17.26 -17.96 3.64
N GLY A 279 16.29 -18.15 4.53
CA GLY A 279 16.43 -19.07 5.67
C GLY A 279 17.10 -18.43 6.87
N PRO A 280 17.17 -19.16 7.96
CA PRO A 280 17.55 -18.63 9.25
C PRO A 280 18.94 -18.11 9.39
N GLY A 281 19.84 -18.46 8.47
CA GLY A 281 21.12 -17.81 8.38
C GLY A 281 21.04 -16.35 8.25
N ILE A 282 19.90 -15.82 7.80
CA ILE A 282 19.79 -14.38 7.65
C ILE A 282 20.03 -13.66 8.99
N PHE A 283 19.73 -14.28 10.11
CA PHE A 283 19.90 -13.52 11.32
C PHE A 283 21.33 -13.19 11.72
N THR A 284 22.28 -14.04 11.34
CA THR A 284 23.69 -13.69 11.58
C THR A 284 24.12 -12.55 10.70
N ARG A 285 23.69 -12.53 9.47
CA ARG A 285 23.94 -11.50 8.51
C ARG A 285 23.36 -10.16 8.94
N LEU A 286 22.08 -10.16 9.35
CA LEU A 286 21.48 -8.95 9.76
C LEU A 286 22.19 -8.35 10.99
N GLU A 287 22.53 -9.19 11.95
CA GLU A 287 23.24 -8.72 13.13
C GLU A 287 24.57 -8.09 12.72
N ASP A 288 25.33 -8.75 11.88
CA ASP A 288 26.62 -8.23 11.51
C ASP A 288 26.47 -6.90 10.79
N GLU A 289 25.50 -6.86 9.89
CA GLU A 289 25.30 -5.66 9.11
C GLU A 289 24.84 -4.46 9.98
N LEU A 290 23.95 -4.71 10.90
CA LEU A 290 23.51 -3.66 11.80
C LEU A 290 24.68 -3.14 12.69
N LEU A 291 25.46 -4.04 13.23
CA LEU A 291 26.60 -3.64 14.02
C LEU A 291 27.61 -2.84 13.22
N GLU A 292 27.81 -3.17 11.96
CA GLU A 292 28.74 -2.44 11.17
C GLU A 292 28.28 -0.99 10.97
N ILE A 293 27.00 -0.80 10.75
CA ILE A 293 26.46 0.52 10.62
C ILE A 293 26.60 1.31 11.92
N MET A 294 26.26 0.67 13.03
CA MET A 294 26.43 1.28 14.32
C MET A 294 27.93 1.66 14.56
N ALA A 295 28.82 0.80 14.21
CA ALA A 295 30.28 1.13 14.41
C ALA A 295 30.71 2.30 13.56
N ARG A 296 30.25 2.41 12.34
CA ARG A 296 30.63 3.51 11.52
C ARG A 296 30.12 4.85 12.04
N LYS A 297 28.98 4.85 12.69
CA LYS A 297 28.27 5.98 13.17
C LYS A 297 28.64 6.32 14.62
N GLY A 298 29.38 5.43 15.23
CA GLY A 298 29.73 5.53 16.68
C GLY A 298 28.63 5.26 17.68
N TYR A 299 27.57 4.56 17.30
CA TYR A 299 26.52 4.19 18.18
C TYR A 299 26.89 2.89 18.91
N ARG A 300 26.65 2.87 20.20
CA ARG A 300 27.01 1.73 21.05
C ARG A 300 25.82 0.89 21.47
N THR A 301 24.61 1.45 21.43
CA THR A 301 23.41 0.72 21.80
C THR A 301 22.27 1.17 20.87
N LEU A 302 21.23 0.36 20.84
CA LEU A 302 20.04 0.69 20.07
C LEU A 302 19.27 1.97 20.53
N GLU A 303 19.24 2.19 21.83
CA GLU A 303 18.56 3.35 22.37
C GLU A 303 19.17 4.66 21.95
N GLU A 304 20.41 4.63 21.56
CA GLU A 304 21.03 5.83 21.09
C GLU A 304 20.35 6.40 19.84
N PHE A 305 19.74 5.56 19.02
CA PHE A 305 19.10 6.03 17.81
C PHE A 305 17.65 5.66 17.59
N ARG A 306 17.11 4.84 18.48
CA ARG A 306 15.74 4.40 18.26
C ARG A 306 14.79 5.59 18.31
N GLY A 307 13.98 5.79 17.27
CA GLY A 307 13.01 6.88 17.17
C GLY A 307 13.62 8.24 16.89
N ARG A 308 14.91 8.25 16.56
CA ARG A 308 15.67 9.45 16.36
C ARG A 308 15.73 9.91 14.88
N VAL A 309 14.86 9.36 14.02
CA VAL A 309 14.77 9.89 12.63
C VAL A 309 14.60 11.43 12.69
N LYS A 310 15.38 12.09 11.85
CA LYS A 310 15.34 13.56 11.72
C LYS A 310 14.30 13.96 10.70
N THR A 311 13.64 15.06 10.96
CA THR A 311 12.78 15.71 9.98
C THR A 311 13.49 16.96 9.42
N ILE A 312 13.00 17.48 8.30
CA ILE A 312 13.58 18.65 7.65
C ILE A 312 12.95 19.91 8.11
N GLU A 313 13.89 20.75 8.58
CA GLU A 313 13.67 22.14 8.95
C GLU A 313 12.65 22.13 10.05
N MET B 1 1.51 -4.12 -35.16
CA MET B 1 1.52 -3.06 -36.26
C MET B 1 1.32 -1.61 -35.72
N CYS B 2 0.09 -1.23 -35.41
CA CYS B 2 -0.03 0.07 -34.67
C CYS B 2 -1.00 -0.10 -33.52
N LEU B 3 -0.83 0.80 -32.51
CA LEU B 3 -1.49 0.72 -31.17
C LEU B 3 -2.68 1.67 -31.07
N LYS B 4 -3.21 2.23 -32.22
CA LYS B 4 -4.23 3.29 -32.12
C LYS B 4 -5.50 2.60 -31.63
N LEU B 5 -6.25 3.36 -30.85
CA LEU B 5 -7.53 2.98 -30.31
C LEU B 5 -8.53 4.15 -30.19
N ASN B 6 -9.83 3.84 -30.01
CA ASN B 6 -10.93 4.72 -29.88
C ASN B 6 -11.50 4.43 -28.55
N LEU B 7 -11.75 5.47 -27.73
CA LEU B 7 -12.44 5.40 -26.41
C LEU B 7 -13.13 6.75 -26.21
N LEU B 8 -14.28 6.78 -25.59
CA LEU B 8 -14.91 7.98 -25.15
C LEU B 8 -15.21 8.99 -26.31
N ASP B 9 -15.42 8.45 -27.49
CA ASP B 9 -15.68 9.26 -28.69
C ASP B 9 -14.47 10.04 -29.19
N HIS B 10 -13.29 9.56 -28.82
CA HIS B 10 -12.02 10.14 -29.23
C HIS B 10 -11.11 9.07 -29.79
N VAL B 11 -10.21 9.45 -30.68
CA VAL B 11 -9.22 8.53 -31.24
C VAL B 11 -7.89 8.83 -30.54
N PHE B 12 -7.18 7.75 -30.17
CA PHE B 12 -5.89 7.81 -29.57
C PHE B 12 -4.85 6.99 -30.36
N ALA B 13 -3.67 7.56 -30.51
CA ALA B 13 -2.58 6.93 -31.36
C ALA B 13 -2.03 5.69 -30.66
N ASN B 14 -2.17 5.66 -29.35
CA ASN B 14 -1.63 4.60 -28.48
C ASN B 14 -2.27 4.82 -27.08
N PRO B 15 -2.14 3.82 -26.19
CA PRO B 15 -2.88 3.91 -24.93
C PRO B 15 -2.07 4.76 -23.87
N PHE B 16 -0.90 5.30 -24.18
CA PHE B 16 -0.08 5.97 -23.20
C PHE B 16 -0.36 7.42 -22.99
N MET B 17 -0.31 7.84 -21.72
CA MET B 17 -0.36 9.27 -21.36
C MET B 17 0.41 9.52 -20.08
N ASN B 18 0.62 10.81 -19.76
CA ASN B 18 1.15 11.11 -18.47
C ASN B 18 0.12 10.84 -17.40
N ALA B 19 0.62 10.60 -16.19
CA ALA B 19 -0.15 10.63 -14.97
C ALA B 19 -0.36 12.07 -14.53
N ALA B 20 -1.58 12.41 -14.05
CA ALA B 20 -1.78 13.75 -13.52
C ALA B 20 -0.75 14.14 -12.56
N GLY B 21 -0.31 15.37 -12.66
CA GLY B 21 0.76 15.88 -11.80
C GLY B 21 2.16 15.88 -12.31
N VAL B 22 2.46 14.97 -13.23
CA VAL B 22 3.77 14.85 -13.82
C VAL B 22 3.81 15.48 -15.22
N LEU B 23 4.72 16.42 -15.41
CA LEU B 23 4.93 17.09 -16.71
C LEU B 23 3.69 17.76 -17.31
N CYS B 24 2.96 18.45 -16.45
CA CYS B 24 1.71 18.98 -16.89
C CYS B 24 1.21 20.20 -16.12
N SER B 25 2.10 20.88 -15.44
CA SER B 25 1.71 22.04 -14.66
C SER B 25 1.67 23.40 -15.36
N THR B 26 2.61 23.63 -16.24
CA THR B 26 2.76 24.87 -16.89
C THR B 26 2.46 24.71 -18.37
N GLU B 27 2.31 25.84 -19.04
CA GLU B 27 2.08 25.83 -20.49
C GLU B 27 3.24 25.09 -21.19
N GLU B 28 4.47 25.39 -20.79
CA GLU B 28 5.66 24.69 -21.27
C GLU B 28 5.53 23.17 -21.12
N ASP B 29 5.07 22.72 -19.97
CA ASP B 29 4.95 21.28 -19.70
C ASP B 29 3.90 20.70 -20.63
N LEU B 30 2.74 21.38 -20.83
CA LEU B 30 1.66 20.85 -21.61
C LEU B 30 2.00 20.81 -23.14
N ARG B 31 2.80 21.81 -23.58
CA ARG B 31 3.29 21.81 -24.90
C ARG B 31 4.29 20.69 -25.14
N CYS B 32 5.10 20.38 -24.12
CA CYS B 32 6.06 19.28 -24.20
C CYS B 32 5.32 17.93 -24.26
N MET B 33 4.33 17.71 -23.37
CA MET B 33 3.58 16.48 -23.47
C MET B 33 2.82 16.41 -24.81
N THR B 34 2.34 17.53 -25.34
CA THR B 34 1.66 17.47 -26.62
C THR B 34 2.62 17.10 -27.80
N ALA B 35 3.88 17.56 -27.72
CA ALA B 35 4.87 17.25 -28.74
C ALA B 35 5.40 15.82 -28.64
N SER B 36 5.22 15.15 -27.50
CA SER B 36 5.67 13.79 -27.30
C SER B 36 4.89 12.79 -28.16
N SER B 37 5.32 11.54 -28.06
CA SER B 37 4.61 10.45 -28.71
C SER B 37 3.48 9.89 -27.92
N SER B 38 3.12 10.48 -26.78
CA SER B 38 1.99 9.92 -25.98
C SER B 38 0.69 9.97 -26.79
N GLY B 39 -0.20 9.11 -26.47
CA GLY B 39 -1.52 9.07 -27.08
C GLY B 39 -2.47 10.12 -26.58
N ALA B 40 -2.23 10.63 -25.38
CA ALA B 40 -3.06 11.70 -24.74
C ALA B 40 -2.22 12.41 -23.68
N LEU B 41 -2.76 13.44 -23.05
CA LEU B 41 -2.12 14.11 -21.91
C LEU B 41 -3.20 14.49 -21.00
N VAL B 42 -2.87 14.66 -19.72
CA VAL B 42 -3.78 15.18 -18.67
C VAL B 42 -3.04 16.33 -17.96
N SER B 43 -3.77 17.36 -17.56
CA SER B 43 -3.22 18.48 -16.93
C SER B 43 -3.12 18.25 -15.40
N LYS B 44 -2.32 19.05 -14.73
CA LYS B 44 -2.13 18.99 -13.28
C LYS B 44 -3.49 19.21 -12.63
N SER B 45 -3.81 18.43 -11.61
CA SER B 45 -5.08 18.67 -10.84
C SER B 45 -5.04 20.13 -10.34
N CYS B 46 -6.20 20.80 -10.60
CA CYS B 46 -6.33 22.20 -10.20
C CYS B 46 -7.39 22.50 -9.18
N THR B 47 -7.15 23.68 -8.61
CA THR B 47 -8.06 24.34 -7.70
C THR B 47 -8.56 25.61 -8.33
N SER B 48 -9.59 26.24 -7.70
CA SER B 48 -10.12 27.47 -8.30
C SER B 48 -9.09 28.51 -8.35
N ALA B 49 -8.33 28.68 -7.27
CA ALA B 49 -7.22 29.62 -7.23
C ALA B 49 -5.83 28.97 -7.37
N PRO B 50 -4.82 29.67 -7.91
CA PRO B 50 -3.45 29.18 -7.89
C PRO B 50 -2.99 28.81 -6.54
N ARG B 51 -2.07 27.80 -6.46
CA ARG B 51 -1.42 27.40 -5.22
C ARG B 51 0.08 27.26 -5.43
N ASP B 52 0.86 27.65 -4.44
CA ASP B 52 2.29 27.49 -4.44
C ASP B 52 2.69 26.03 -4.03
N GLY B 53 1.80 25.34 -3.32
CA GLY B 53 2.12 24.00 -2.79
C GLY B 53 2.99 24.09 -1.60
N ASN B 54 3.55 22.94 -1.20
CA ASN B 54 4.38 22.80 0.01
C ASN B 54 5.82 23.18 -0.19
N PRO B 55 6.52 23.44 0.92
CA PRO B 55 7.95 23.70 0.88
C PRO B 55 8.79 22.55 0.27
N GLU B 56 9.89 22.91 -0.34
CA GLU B 56 10.81 21.98 -0.96
C GLU B 56 11.86 21.53 0.04
N PRO B 57 12.40 20.30 -0.10
CA PRO B 57 12.07 19.30 -1.08
C PRO B 57 10.74 18.60 -0.79
N ARG B 58 9.99 18.40 -1.85
CA ARG B 58 8.64 17.81 -1.82
C ARG B 58 8.40 16.60 -2.77
N TYR B 59 9.42 16.28 -3.51
CA TYR B 59 9.46 15.10 -4.33
C TYR B 59 10.86 14.55 -4.30
N MET B 60 10.96 13.21 -4.20
CA MET B 60 12.22 12.53 -4.38
C MET B 60 12.07 11.21 -4.96
N ALA B 61 12.99 10.81 -5.80
CA ALA B 61 13.02 9.50 -6.41
C ALA B 61 14.23 8.67 -6.17
N PHE B 62 14.04 7.37 -6.30
CA PHE B 62 14.97 6.31 -5.93
C PHE B 62 14.80 5.17 -6.86
N PRO B 63 15.70 4.15 -6.84
CA PRO B 63 15.62 3.08 -7.77
C PRO B 63 14.29 2.38 -7.77
N LEU B 64 13.61 2.30 -6.63
CA LEU B 64 12.37 1.62 -6.64
C LEU B 64 11.10 2.49 -6.74
N GLY B 65 11.24 3.80 -6.76
CA GLY B 65 10.10 4.65 -6.99
C GLY B 65 10.28 6.01 -6.38
N SER B 66 9.19 6.65 -6.07
CA SER B 66 9.19 8.04 -5.66
C SER B 66 8.30 8.24 -4.44
N ILE B 67 8.51 9.36 -3.77
CA ILE B 67 7.66 9.84 -2.70
C ILE B 67 7.40 11.35 -2.95
N ASN B 68 6.16 11.77 -2.70
CA ASN B 68 5.83 13.21 -2.92
C ASN B 68 4.78 13.64 -1.90
N SER B 69 4.99 14.93 -1.47
CA SER B 69 3.93 15.70 -0.81
C SER B 69 3.89 17.07 -1.43
N MET B 70 3.50 17.14 -2.70
CA MET B 70 3.59 18.41 -3.45
C MET B 70 2.73 19.49 -2.87
N GLY B 71 1.59 19.13 -2.31
CA GLY B 71 0.63 20.11 -1.87
C GLY B 71 -0.18 20.77 -2.92
N LEU B 72 -0.45 20.09 -4.04
CA LEU B 72 -1.26 20.62 -5.13
C LEU B 72 -0.79 21.95 -5.65
N PRO B 73 0.46 22.13 -5.89
CA PRO B 73 0.88 23.38 -6.57
C PRO B 73 0.25 23.38 -7.94
N ASN B 74 -0.37 24.49 -8.39
CA ASN B 74 -0.96 24.57 -9.71
C ASN B 74 -1.24 26.00 -10.10
N LEU B 75 -1.45 26.24 -11.38
CA LEU B 75 -1.64 27.59 -11.90
C LEU B 75 -3.08 28.10 -11.78
N GLY B 76 -3.96 27.31 -11.22
CA GLY B 76 -5.33 27.69 -11.07
C GLY B 76 -6.22 27.24 -12.22
N PHE B 77 -7.48 27.01 -11.92
CA PHE B 77 -8.40 26.54 -12.93
C PHE B 77 -8.48 27.45 -14.17
N ASP B 78 -8.46 28.80 -13.97
CA ASP B 78 -8.60 29.62 -15.12
C ASP B 78 -7.52 29.39 -16.20
N PHE B 79 -6.32 29.05 -15.73
CA PHE B 79 -5.25 28.76 -16.61
C PHE B 79 -5.49 27.48 -17.39
N TYR B 80 -5.86 26.41 -16.67
CA TYR B 80 -6.07 25.16 -17.35
C TYR B 80 -7.25 25.18 -18.30
N LEU B 81 -8.29 25.92 -17.92
CA LEU B 81 -9.46 26.08 -18.79
C LEU B 81 -9.08 26.84 -20.07
N LYS B 82 -8.28 27.88 -19.92
CA LYS B 82 -7.75 28.65 -21.07
C LYS B 82 -6.90 27.77 -21.96
N TYR B 83 -6.08 26.91 -21.37
CA TYR B 83 -5.30 26.01 -22.21
C TYR B 83 -6.21 25.07 -23.02
N ALA B 84 -7.20 24.53 -22.33
CA ALA B 84 -8.12 23.66 -23.02
C ALA B 84 -8.92 24.37 -24.12
N SER B 85 -9.38 25.57 -23.79
CA SER B 85 -10.19 26.36 -24.68
C SER B 85 -9.50 26.97 -25.89
N ASP B 86 -8.31 27.49 -25.65
CA ASP B 86 -7.59 28.34 -26.60
C ASP B 86 -6.23 27.83 -27.09
N LEU B 87 -5.54 27.03 -26.29
CA LEU B 87 -4.15 26.76 -26.60
C LEU B 87 -3.90 25.34 -27.12
N HIS B 88 -4.61 24.35 -26.61
CA HIS B 88 -4.32 22.97 -26.95
C HIS B 88 -4.65 22.69 -28.37
N ASP B 89 -3.72 21.96 -29.02
CA ASP B 89 -3.95 21.51 -30.36
C ASP B 89 -4.60 20.10 -30.43
N TYR B 90 -5.92 20.04 -30.59
CA TYR B 90 -6.69 18.81 -30.51
C TYR B 90 -6.41 17.84 -31.71
N SER B 91 -5.82 18.41 -32.73
CA SER B 91 -5.42 17.64 -33.94
C SER B 91 -4.25 16.71 -33.57
N LYS B 92 -3.51 17.05 -32.52
CA LYS B 92 -2.37 16.27 -32.10
C LYS B 92 -2.75 15.08 -31.20
N LYS B 93 -3.64 15.32 -30.21
CA LYS B 93 -4.06 14.23 -29.34
C LYS B 93 -5.13 14.76 -28.41
N PRO B 94 -5.88 13.88 -27.77
CA PRO B 94 -6.86 14.32 -26.77
C PRO B 94 -6.24 14.87 -25.49
N LEU B 95 -7.00 15.73 -24.85
CA LEU B 95 -6.67 16.40 -23.59
C LEU B 95 -7.65 16.01 -22.52
N PHE B 96 -7.14 15.59 -21.34
CA PHE B 96 -7.89 15.44 -20.16
C PHE B 96 -7.51 16.59 -19.20
N LEU B 97 -8.48 17.16 -18.51
CA LEU B 97 -8.26 18.16 -17.50
C LEU B 97 -8.63 17.55 -16.11
N SER B 98 -7.69 17.60 -15.18
CA SER B 98 -7.91 17.05 -13.84
C SER B 98 -8.26 18.20 -12.89
N ILE B 99 -9.32 17.98 -12.13
CA ILE B 99 -9.80 18.88 -11.11
C ILE B 99 -9.72 18.22 -9.74
N SER B 100 -9.29 19.02 -8.75
CA SER B 100 -9.21 18.57 -7.36
C SER B 100 -9.44 19.75 -6.40
N GLY B 101 -10.71 20.18 -6.37
CA GLY B 101 -11.09 21.27 -5.45
C GLY B 101 -11.11 20.80 -4.04
N LEU B 102 -11.01 21.78 -3.14
CA LEU B 102 -10.95 21.46 -1.72
C LEU B 102 -12.32 21.27 -1.04
N SER B 103 -13.39 21.42 -1.80
CA SER B 103 -14.78 21.15 -1.36
C SER B 103 -15.62 20.78 -2.53
N VAL B 104 -16.74 20.20 -2.25
CA VAL B 104 -17.67 19.92 -3.25
C VAL B 104 -18.06 21.18 -4.04
N GLU B 105 -18.31 22.28 -3.31
CA GLU B 105 -18.69 23.51 -3.94
C GLU B 105 -17.69 24.05 -4.94
N GLU B 106 -16.42 23.89 -4.62
CA GLU B 106 -15.41 24.31 -5.51
C GLU B 106 -15.39 23.47 -6.77
N ASN B 107 -15.51 22.15 -6.59
CA ASN B 107 -15.58 21.26 -7.75
C ASN B 107 -16.77 21.57 -8.63
N VAL B 108 -17.97 21.85 -8.03
CA VAL B 108 -19.14 22.23 -8.78
C VAL B 108 -18.94 23.47 -9.62
N ALA B 109 -18.36 24.47 -8.98
CA ALA B 109 -18.05 25.70 -9.63
C ALA B 109 -17.17 25.54 -10.83
N MET B 110 -16.14 24.69 -10.69
CA MET B 110 -15.21 24.51 -11.79
C MET B 110 -15.90 23.70 -12.93
N VAL B 111 -16.63 22.61 -12.62
CA VAL B 111 -17.19 21.81 -13.66
C VAL B 111 -18.32 22.52 -14.49
N ARG B 112 -19.05 23.45 -13.82
CA ARG B 112 -20.07 24.24 -14.55
C ARG B 112 -19.41 25.05 -15.60
N ARG B 113 -18.17 25.56 -15.35
CA ARG B 113 -17.43 26.30 -16.38
C ARG B 113 -16.74 25.44 -17.43
N LEU B 114 -16.33 24.22 -17.03
CA LEU B 114 -15.73 23.34 -17.96
C LEU B 114 -16.70 22.74 -19.01
N ALA B 115 -17.95 22.52 -18.57
CA ALA B 115 -18.92 21.87 -19.40
C ALA B 115 -19.06 22.40 -20.84
N PRO B 116 -19.27 23.76 -21.05
CA PRO B 116 -19.30 24.26 -22.45
C PRO B 116 -18.05 24.07 -23.24
N VAL B 117 -16.86 24.16 -22.57
CA VAL B 117 -15.59 23.80 -23.26
C VAL B 117 -15.43 22.35 -23.67
N ALA B 118 -15.86 21.48 -22.76
CA ALA B 118 -16.02 20.05 -23.08
C ALA B 118 -16.92 19.85 -24.33
N GLN B 119 -18.10 20.49 -24.36
CA GLN B 119 -18.98 20.36 -25.51
C GLN B 119 -18.34 20.91 -26.77
N GLU B 120 -17.67 22.06 -26.69
CA GLU B 120 -17.14 22.72 -27.85
C GLU B 120 -15.86 22.05 -28.42
N LYS B 121 -14.98 21.67 -27.50
CA LYS B 121 -13.65 21.28 -27.85
C LYS B 121 -13.39 19.78 -27.65
N GLY B 122 -14.13 19.12 -26.76
CA GLY B 122 -13.94 17.71 -26.52
C GLY B 122 -12.91 17.42 -25.40
N VAL B 123 -12.45 18.43 -24.67
CA VAL B 123 -11.64 18.16 -23.43
C VAL B 123 -12.41 17.21 -22.52
N LEU B 124 -11.69 16.29 -21.89
CA LEU B 124 -12.29 15.28 -21.02
C LEU B 124 -11.95 15.57 -19.52
N LEU B 125 -12.88 15.40 -18.64
CA LEU B 125 -12.67 15.67 -17.21
C LEU B 125 -12.23 14.39 -16.44
N GLU B 126 -11.14 14.51 -15.68
CA GLU B 126 -10.71 13.54 -14.63
C GLU B 126 -10.86 14.22 -13.30
N LEU B 127 -11.77 13.73 -12.43
CA LEU B 127 -12.03 14.28 -11.17
C LEU B 127 -11.18 13.55 -10.12
N ASN B 128 -10.25 14.24 -9.48
CA ASN B 128 -9.33 13.57 -8.51
C ASN B 128 -9.97 13.56 -7.15
N LEU B 129 -10.36 12.40 -6.67
CA LEU B 129 -11.03 12.27 -5.37
C LEU B 129 -10.15 12.06 -4.22
N SER B 130 -8.85 12.23 -4.40
CA SER B 130 -7.85 12.30 -3.32
C SER B 130 -7.74 13.67 -2.82
N CYS B 131 -8.86 14.18 -2.39
CA CYS B 131 -8.93 15.57 -2.07
C CYS B 131 -9.38 15.70 -0.62
N PRO B 132 -9.06 16.83 -0.04
CA PRO B 132 -9.45 17.21 1.30
C PRO B 132 -10.95 17.07 1.61
N ASN B 133 -11.21 16.73 2.84
CA ASN B 133 -12.52 16.38 3.27
C ASN B 133 -12.76 17.14 4.58
N VAL B 134 -13.86 16.85 5.22
CA VAL B 134 -14.25 17.58 6.39
C VAL B 134 -13.45 17.14 7.59
N PRO B 135 -13.53 18.00 8.71
CA PRO B 135 -12.62 17.63 9.82
C PRO B 135 -12.77 16.25 10.34
N GLY B 136 -11.60 15.71 10.70
CA GLY B 136 -11.40 14.42 11.34
C GLY B 136 -11.61 13.31 10.40
N LYS B 137 -11.49 13.63 9.13
CA LYS B 137 -11.96 12.77 8.14
C LYS B 137 -10.91 12.40 7.17
N PRO B 138 -11.12 11.16 6.58
CA PRO B 138 -10.13 10.80 5.60
C PRO B 138 -10.37 11.41 4.25
N GLN B 139 -9.47 11.14 3.33
CA GLN B 139 -9.59 11.67 1.97
C GLN B 139 -10.98 11.20 1.50
N VAL B 140 -11.54 12.01 0.59
CA VAL B 140 -12.86 11.77 0.12
C VAL B 140 -13.11 10.36 -0.38
N ALA B 141 -12.18 9.80 -1.14
CA ALA B 141 -12.47 8.47 -1.69
C ALA B 141 -12.40 7.34 -0.68
N TYR B 142 -11.90 7.66 0.50
CA TYR B 142 -11.92 6.75 1.64
C TYR B 142 -13.12 6.99 2.60
N ASP B 143 -14.00 7.88 2.21
CA ASP B 143 -15.23 8.22 2.93
C ASP B 143 -16.37 8.08 1.93
N PHE B 144 -16.95 6.92 1.92
CA PHE B 144 -17.82 6.52 0.84
C PHE B 144 -19.06 7.42 0.75
N GLU B 145 -19.57 7.88 1.88
CA GLU B 145 -20.68 8.85 1.80
C GLU B 145 -20.26 10.16 1.22
N ALA B 146 -19.07 10.65 1.53
CA ALA B 146 -18.58 11.83 0.92
C ALA B 146 -18.42 11.64 -0.59
N MET B 147 -17.81 10.49 -0.94
CA MET B 147 -17.62 10.22 -2.33
C MET B 147 -18.94 10.26 -3.17
N ARG B 148 -19.95 9.64 -2.61
CA ARG B 148 -21.31 9.59 -3.25
C ARG B 148 -21.80 11.04 -3.39
N THR B 149 -21.62 11.90 -2.36
CA THR B 149 -22.01 13.35 -2.51
C THR B 149 -21.27 14.07 -3.59
N TYR B 150 -19.95 13.87 -3.64
CA TYR B 150 -19.19 14.53 -4.66
C TYR B 150 -19.67 14.13 -6.05
N LEU B 151 -19.84 12.83 -6.26
CA LEU B 151 -20.30 12.34 -7.57
C LEU B 151 -21.66 12.80 -7.93
N GLN B 152 -22.55 12.83 -6.98
CA GLN B 152 -23.92 13.30 -7.26
C GLN B 152 -23.89 14.78 -7.69
N GLN B 153 -23.13 15.57 -6.97
CA GLN B 153 -23.08 17.00 -7.25
C GLN B 153 -22.37 17.31 -8.56
N VAL B 154 -21.28 16.60 -8.84
CA VAL B 154 -20.56 16.84 -10.06
C VAL B 154 -21.35 16.34 -11.26
N SER B 155 -21.94 15.18 -11.13
CA SER B 155 -22.79 14.65 -12.21
C SER B 155 -23.91 15.68 -12.57
N LEU B 156 -24.56 16.24 -11.56
CA LEU B 156 -25.64 17.20 -11.75
C LEU B 156 -25.13 18.48 -12.42
N ALA B 157 -24.01 18.98 -11.92
CA ALA B 157 -23.43 20.27 -12.39
C ALA B 157 -22.82 20.16 -13.78
N TYR B 158 -22.19 19.01 -14.11
CA TYR B 158 -21.41 18.88 -15.29
C TYR B 158 -22.29 18.35 -16.40
N GLY B 159 -23.01 17.24 -16.11
CA GLY B 159 -23.97 16.71 -17.04
C GLY B 159 -23.47 15.95 -18.25
N LEU B 160 -22.16 15.69 -18.27
CA LEU B 160 -21.49 15.04 -19.41
C LEU B 160 -20.63 13.89 -18.90
N PRO B 161 -20.25 12.97 -19.75
CA PRO B 161 -19.30 11.86 -19.36
C PRO B 161 -17.99 12.42 -18.81
N PHE B 162 -17.58 11.79 -17.69
CA PHE B 162 -16.32 12.16 -17.01
C PHE B 162 -15.71 10.92 -16.37
N GLY B 163 -14.54 11.08 -15.85
CA GLY B 163 -13.88 10.00 -15.09
C GLY B 163 -13.40 10.45 -13.76
N VAL B 164 -12.99 9.47 -12.94
CA VAL B 164 -12.58 9.72 -11.58
C VAL B 164 -11.22 9.02 -11.32
N LYS B 165 -10.32 9.76 -10.74
CA LYS B 165 -9.01 9.26 -10.27
C LYS B 165 -9.19 8.77 -8.80
N MET B 166 -8.85 7.48 -8.58
CA MET B 166 -9.05 6.83 -7.30
C MET B 166 -7.72 6.53 -6.59
N PRO B 167 -7.72 6.58 -5.29
CA PRO B 167 -6.67 6.02 -4.53
C PRO B 167 -6.79 4.53 -4.48
N PRO B 168 -5.66 3.85 -4.15
CA PRO B 168 -5.75 2.40 -3.96
C PRO B 168 -6.55 1.99 -2.76
N TYR B 169 -7.19 0.83 -2.94
CA TYR B 169 -7.83 0.09 -1.83
C TYR B 169 -7.14 -1.21 -1.56
N PHE B 170 -7.27 -1.73 -0.37
CA PHE B 170 -6.47 -2.91 0.11
C PHE B 170 -7.33 -3.94 0.78
N ASP B 171 -8.65 -3.90 0.54
CA ASP B 171 -9.59 -4.77 1.24
C ASP B 171 -10.71 -5.06 0.25
N ILE B 172 -11.10 -6.32 0.14
CA ILE B 172 -12.10 -6.74 -0.87
C ILE B 172 -13.44 -6.09 -0.56
N ALA B 173 -13.81 -5.94 0.72
CA ALA B 173 -15.02 -5.22 1.03
C ALA B 173 -14.98 -3.78 0.56
N HIS B 174 -13.82 -3.13 0.63
CA HIS B 174 -13.72 -1.75 0.13
C HIS B 174 -13.88 -1.74 -1.38
N PHE B 175 -13.22 -2.61 -2.12
CA PHE B 175 -13.46 -2.73 -3.58
C PHE B 175 -14.97 -2.84 -3.85
N ASP B 176 -15.64 -3.72 -3.09
CA ASP B 176 -17.09 -3.90 -3.35
C ASP B 176 -17.85 -2.57 -3.10
N THR B 177 -17.57 -1.89 -2.00
CA THR B 177 -18.31 -0.73 -1.66
C THR B 177 -17.99 0.38 -2.70
N ALA B 178 -16.70 0.62 -2.98
CA ALA B 178 -16.32 1.68 -3.84
C ALA B 178 -16.89 1.52 -5.23
N ALA B 179 -16.85 0.30 -5.78
CA ALA B 179 -17.30 0.10 -7.10
C ALA B 179 -18.85 0.29 -7.11
N ALA B 180 -19.52 -0.12 -6.06
CA ALA B 180 -20.98 0.07 -6.00
C ALA B 180 -21.30 1.55 -5.96
N VAL B 181 -20.54 2.37 -5.29
CA VAL B 181 -20.74 3.81 -5.36
C VAL B 181 -20.58 4.27 -6.80
N LEU B 182 -19.46 3.95 -7.45
CA LEU B 182 -19.22 4.44 -8.78
C LEU B 182 -20.29 4.03 -9.77
N ASN B 183 -20.77 2.81 -9.59
CA ASN B 183 -21.77 2.28 -10.50
C ASN B 183 -23.18 2.97 -10.28
N GLU B 184 -23.32 3.79 -9.27
CA GLU B 184 -24.60 4.61 -9.14
C GLU B 184 -24.61 5.75 -10.13
N PHE B 185 -23.47 6.05 -10.75
CA PHE B 185 -23.32 7.23 -11.59
C PHE B 185 -23.05 6.87 -13.02
N PRO B 186 -24.02 6.97 -13.88
CA PRO B 186 -23.86 6.62 -15.25
C PRO B 186 -22.94 7.55 -16.06
N LEU B 187 -22.74 8.77 -15.58
CA LEU B 187 -21.86 9.70 -16.30
C LEU B 187 -20.38 9.39 -16.02
N VAL B 188 -20.14 8.58 -14.96
CA VAL B 188 -18.72 8.18 -14.72
C VAL B 188 -18.41 7.10 -15.71
N LYS B 189 -17.65 7.42 -16.74
CA LYS B 189 -17.42 6.54 -17.85
C LYS B 189 -16.00 5.91 -17.79
N PHE B 190 -15.12 6.48 -16.95
CA PHE B 190 -13.78 5.83 -16.73
C PHE B 190 -13.34 6.07 -15.32
N VAL B 191 -12.56 5.09 -14.84
CA VAL B 191 -12.07 5.05 -13.48
C VAL B 191 -10.55 4.91 -13.67
N THR B 192 -9.79 5.78 -13.09
CA THR B 192 -8.32 5.65 -13.16
C THR B 192 -7.78 5.13 -11.84
N CYS B 193 -7.12 3.97 -11.88
CA CYS B 193 -6.61 3.22 -10.70
C CYS B 193 -5.11 3.14 -10.98
N VAL B 194 -4.20 3.74 -10.22
CA VAL B 194 -4.43 4.35 -8.95
C VAL B 194 -3.60 5.61 -8.77
N ASN B 195 -4.06 6.46 -7.85
CA ASN B 195 -3.21 7.51 -7.27
C ASN B 195 -2.09 6.90 -6.43
N SER B 196 -1.20 7.73 -5.92
CA SER B 196 -0.09 7.23 -5.16
C SER B 196 -0.60 6.48 -3.90
N VAL B 197 0.25 5.54 -3.46
CA VAL B 197 -0.02 4.79 -2.23
C VAL B 197 0.28 5.76 -1.04
N GLY B 198 -0.76 6.08 -0.29
CA GLY B 198 -0.70 7.22 0.62
C GLY B 198 0.22 7.00 1.82
N ASN B 199 0.90 8.11 2.19
CA ASN B 199 1.58 8.26 3.44
C ASN B 199 2.59 7.17 3.73
N GLY B 200 3.43 6.92 2.74
CA GLY B 200 4.69 6.21 2.98
C GLY B 200 5.75 7.14 3.57
N LEU B 201 6.85 6.52 3.98
CA LEU B 201 7.96 7.24 4.60
C LEU B 201 9.24 6.72 4.16
N VAL B 202 10.06 7.55 3.47
CA VAL B 202 11.40 7.18 3.05
C VAL B 202 12.41 7.87 3.99
N ILE B 203 13.36 7.07 4.47
CA ILE B 203 14.37 7.52 5.39
C ILE B 203 15.74 7.19 4.75
N ASP B 204 16.63 8.16 4.83
CA ASP B 204 18.00 8.02 4.36
C ASP B 204 18.91 7.56 5.47
N ALA B 205 19.54 6.41 5.26
CA ALA B 205 20.35 5.86 6.31
C ALA B 205 21.58 6.72 6.69
N GLU B 206 22.24 7.27 5.70
CA GLU B 206 23.42 8.06 6.04
C GLU B 206 23.13 9.29 6.89
N SER B 207 22.12 10.05 6.47
CA SER B 207 21.77 11.27 7.15
C SER B 207 20.83 11.07 8.32
N GLU B 208 20.30 9.88 8.38
CA GLU B 208 19.31 9.54 9.42
C GLU B 208 18.05 10.42 9.38
N SER B 209 17.72 10.91 8.20
CA SER B 209 16.67 11.88 8.00
C SER B 209 15.66 11.41 7.03
N VAL B 210 14.45 11.90 7.16
CA VAL B 210 13.50 11.78 6.10
C VAL B 210 13.96 12.62 4.87
N VAL B 211 13.37 12.40 3.69
CA VAL B 211 13.90 12.98 2.42
C VAL B 211 13.03 14.05 1.83
N ILE B 212 11.80 14.20 2.26
CA ILE B 212 10.96 15.32 1.94
C ILE B 212 10.59 16.14 3.21
N LYS B 213 10.43 17.43 3.02
CA LYS B 213 10.21 18.41 4.10
C LYS B 213 8.80 18.42 4.64
N PRO B 214 7.76 18.43 3.78
CA PRO B 214 6.41 18.48 4.37
C PRO B 214 6.02 17.24 5.15
N LYS B 215 5.06 17.42 6.08
CA LYS B 215 4.42 16.27 6.70
C LYS B 215 5.42 15.31 7.38
N GLN B 216 6.49 15.84 7.96
CA GLN B 216 7.46 15.09 8.69
C GLN B 216 8.00 13.91 7.83
N GLY B 217 8.09 14.12 6.54
CA GLY B 217 8.59 13.18 5.61
C GLY B 217 7.60 12.23 4.95
N PHE B 218 6.38 12.24 5.41
CA PHE B 218 5.32 11.30 4.90
C PHE B 218 4.85 11.82 3.52
N GLY B 219 4.63 10.94 2.54
CA GLY B 219 4.09 11.29 1.24
C GLY B 219 3.66 10.14 0.41
N GLY B 220 3.03 10.40 -0.71
CA GLY B 220 2.50 9.32 -1.50
C GLY B 220 3.63 8.65 -2.25
N LEU B 221 3.47 7.36 -2.38
CA LEU B 221 4.45 6.51 -3.10
C LEU B 221 3.99 6.22 -4.52
N GLY B 222 4.99 6.26 -5.42
CA GLY B 222 4.80 5.88 -6.80
C GLY B 222 5.93 4.96 -7.24
N GLY B 223 5.80 4.38 -8.45
CA GLY B 223 6.81 3.59 -9.01
C GLY B 223 6.78 2.11 -8.73
N LYS B 224 7.99 1.49 -8.70
CA LYS B 224 8.03 0.01 -8.63
C LYS B 224 7.42 -0.52 -7.38
N TYR B 225 7.45 0.22 -6.28
CA TYR B 225 6.84 -0.19 -5.06
C TYR B 225 5.37 -0.58 -5.25
N ILE B 226 4.68 0.07 -6.19
CA ILE B 226 3.22 0.04 -6.21
C ILE B 226 2.57 -0.70 -7.36
N LEU B 227 3.39 -1.35 -8.20
CA LEU B 227 2.80 -2.04 -9.37
C LEU B 227 1.78 -3.13 -8.98
N PRO B 228 2.11 -4.04 -8.01
CA PRO B 228 1.06 -5.05 -7.77
C PRO B 228 -0.25 -4.48 -7.16
N THR B 229 -0.08 -3.43 -6.34
CA THR B 229 -1.21 -2.65 -5.84
C THR B 229 -2.04 -2.12 -6.96
N ALA B 230 -1.39 -1.47 -7.91
CA ALA B 230 -2.04 -0.86 -9.02
C ALA B 230 -2.79 -1.86 -9.88
N LEU B 231 -2.13 -3.01 -10.18
CA LEU B 231 -2.75 -4.07 -10.99
C LEU B 231 -3.98 -4.62 -10.28
N ALA B 232 -3.89 -4.81 -8.96
CA ALA B 232 -5.03 -5.30 -8.19
C ALA B 232 -6.23 -4.33 -8.30
N ASN B 233 -5.98 -3.04 -8.19
CA ASN B 233 -7.05 -2.12 -8.25
C ASN B 233 -7.66 -2.01 -9.67
N VAL B 234 -6.79 -2.03 -10.66
CA VAL B 234 -7.25 -2.06 -12.05
C VAL B 234 -8.19 -3.25 -12.22
N ASN B 235 -7.74 -4.43 -11.85
CA ASN B 235 -8.54 -5.65 -12.14
C ASN B 235 -9.80 -5.71 -11.29
N ALA B 236 -9.71 -5.20 -10.03
CA ALA B 236 -10.87 -5.22 -9.17
C ALA B 236 -11.96 -4.36 -9.71
N PHE B 237 -11.63 -3.18 -10.19
CA PHE B 237 -12.65 -2.30 -10.80
C PHE B 237 -13.04 -2.74 -12.19
N TYR B 238 -12.15 -3.37 -12.93
CA TYR B 238 -12.50 -3.87 -14.24
C TYR B 238 -13.60 -4.93 -14.10
N ARG B 239 -13.41 -5.78 -13.12
CA ARG B 239 -14.41 -6.81 -12.87
C ARG B 239 -15.75 -6.23 -12.38
N ARG B 240 -15.67 -5.22 -11.55
CA ARG B 240 -16.85 -4.72 -10.88
C ARG B 240 -17.63 -3.66 -11.63
N CYS B 241 -17.00 -3.06 -12.62
CA CYS B 241 -17.62 -1.97 -13.38
C CYS B 241 -17.58 -2.29 -14.87
N PRO B 242 -18.40 -3.24 -15.29
CA PRO B 242 -18.41 -3.68 -16.69
C PRO B 242 -18.85 -2.65 -17.68
N ASP B 243 -19.61 -1.64 -17.27
CA ASP B 243 -20.07 -0.62 -18.16
C ASP B 243 -19.19 0.63 -18.17
N LYS B 244 -17.99 0.56 -17.54
CA LYS B 244 -17.07 1.66 -17.49
C LYS B 244 -15.72 1.21 -18.07
N LEU B 245 -14.92 2.19 -18.44
CA LEU B 245 -13.51 1.93 -18.78
C LEU B 245 -12.71 2.05 -17.52
N VAL B 246 -11.58 1.32 -17.49
CA VAL B 246 -10.59 1.48 -16.43
C VAL B 246 -9.29 1.94 -17.06
N PHE B 247 -8.72 2.96 -16.48
CA PHE B 247 -7.42 3.47 -16.90
C PHE B 247 -6.44 3.07 -15.82
N GLY B 248 -5.33 2.50 -16.23
CA GLY B 248 -4.33 2.04 -15.31
C GLY B 248 -3.19 3.03 -15.08
N CYS B 249 -2.83 3.20 -13.82
CA CYS B 249 -1.74 4.02 -13.41
C CYS B 249 -1.04 3.39 -12.20
N GLY B 250 0.29 3.30 -12.26
CA GLY B 250 1.11 2.84 -11.14
C GLY B 250 2.14 1.90 -11.56
N GLY B 251 3.40 2.27 -11.39
CA GLY B 251 4.49 1.35 -11.55
C GLY B 251 4.83 1.04 -12.98
N VAL B 252 4.41 1.84 -13.99
CA VAL B 252 4.78 1.51 -15.39
C VAL B 252 6.14 2.09 -15.70
N TYR B 253 7.11 1.23 -16.01
CA TYR B 253 8.41 1.65 -16.46
C TYR B 253 8.75 1.05 -17.81
N SER B 254 7.99 0.10 -18.28
CA SER B 254 8.33 -0.68 -19.46
C SER B 254 7.06 -1.06 -20.18
N GLY B 255 7.22 -1.48 -21.43
CA GLY B 255 6.11 -2.01 -22.15
C GLY B 255 5.58 -3.32 -21.52
N GLU B 256 6.41 -4.09 -20.82
CA GLU B 256 5.94 -5.23 -20.12
C GLU B 256 5.01 -4.83 -18.95
N ASP B 257 5.40 -3.79 -18.26
CA ASP B 257 4.51 -3.29 -17.19
C ASP B 257 3.16 -2.80 -17.77
N ALA B 258 3.19 -2.13 -18.90
CA ALA B 258 2.00 -1.67 -19.57
C ALA B 258 1.11 -2.88 -20.00
N PHE B 259 1.81 -3.91 -20.50
CA PHE B 259 1.16 -5.12 -20.92
C PHE B 259 0.33 -5.75 -19.78
N LEU B 260 0.95 -5.76 -18.59
CA LEU B 260 0.34 -6.29 -17.36
C LEU B 260 -0.88 -5.47 -16.94
N HIS B 261 -0.78 -4.13 -17.02
CA HIS B 261 -1.91 -3.27 -16.79
C HIS B 261 -3.10 -3.57 -17.78
N ILE B 262 -2.78 -3.77 -19.06
CA ILE B 262 -3.80 -4.03 -20.03
C ILE B 262 -4.42 -5.44 -19.77
N LEU B 263 -3.62 -6.42 -19.52
CA LEU B 263 -4.14 -7.73 -19.18
C LEU B 263 -5.11 -7.68 -17.97
N ALA B 264 -4.82 -6.78 -17.01
CA ALA B 264 -5.65 -6.62 -15.85
C ALA B 264 -6.97 -5.91 -16.16
N GLY B 265 -6.98 -5.17 -17.28
CA GLY B 265 -8.19 -4.49 -17.75
C GLY B 265 -8.01 -3.04 -18.18
N ALA B 266 -6.79 -2.50 -18.16
CA ALA B 266 -6.61 -1.10 -18.54
C ALA B 266 -6.88 -0.80 -20.01
N SER B 267 -7.55 0.33 -20.22
CA SER B 267 -7.77 0.93 -21.55
C SER B 267 -6.71 1.90 -21.87
N MET B 268 -6.49 2.91 -21.05
CA MET B 268 -5.31 3.78 -21.21
C MET B 268 -4.38 3.38 -20.05
N VAL B 269 -3.09 3.71 -20.20
CA VAL B 269 -2.04 3.40 -19.27
C VAL B 269 -1.31 4.75 -19.03
N GLN B 270 -1.28 5.21 -17.80
CA GLN B 270 -0.68 6.44 -17.37
C GLN B 270 0.69 6.15 -16.74
N VAL B 271 1.59 7.11 -16.94
CA VAL B 271 2.99 7.00 -16.49
C VAL B 271 3.36 8.23 -15.67
N GLY B 272 3.67 8.03 -14.38
CA GLY B 272 4.01 9.06 -13.41
C GLY B 272 5.46 9.10 -13.13
N THR B 273 5.89 8.39 -12.08
CA THR B 273 7.30 8.42 -11.67
C THR B 273 8.25 8.13 -12.79
N ALA B 274 7.98 7.15 -13.64
CA ALA B 274 8.97 6.84 -14.69
C ALA B 274 9.16 7.93 -15.72
N LEU B 275 8.07 8.66 -15.93
CA LEU B 275 8.05 9.84 -16.79
C LEU B 275 8.81 10.99 -16.16
N GLN B 276 8.58 11.22 -14.87
CA GLN B 276 9.31 12.23 -14.15
C GLN B 276 10.81 11.94 -14.17
N GLU B 277 11.22 10.68 -14.12
CA GLU B 277 12.58 10.32 -14.03
C GLU B 277 13.24 10.28 -15.45
N GLU B 278 12.57 9.83 -16.47
CA GLU B 278 13.21 9.56 -17.74
C GLU B 278 12.90 10.67 -18.73
N GLY B 279 11.80 11.38 -18.55
CA GLY B 279 11.37 12.38 -19.49
C GLY B 279 10.49 11.82 -20.61
N PRO B 280 10.01 12.66 -21.53
CA PRO B 280 8.98 12.31 -22.50
C PRO B 280 9.40 11.34 -23.61
N GLY B 281 10.72 11.18 -23.78
CA GLY B 281 11.23 10.08 -24.59
C GLY B 281 10.73 8.74 -24.19
N ILE B 282 10.32 8.56 -22.90
CA ILE B 282 9.83 7.30 -22.46
C ILE B 282 8.72 6.76 -23.36
N PHE B 283 7.86 7.64 -23.94
CA PHE B 283 6.67 7.18 -24.71
C PHE B 283 7.06 6.38 -25.93
N THR B 284 8.15 6.75 -26.64
CA THR B 284 8.54 5.96 -27.79
C THR B 284 8.98 4.61 -27.37
N ARG B 285 9.76 4.52 -26.32
CA ARG B 285 10.25 3.29 -25.76
C ARG B 285 9.13 2.39 -25.29
N LEU B 286 8.16 2.90 -24.56
CA LEU B 286 7.05 2.14 -24.11
C LEU B 286 6.25 1.53 -25.28
N GLU B 287 6.01 2.35 -26.29
CA GLU B 287 5.29 1.89 -27.49
C GLU B 287 6.06 0.76 -28.17
N ASP B 288 7.34 0.93 -28.34
CA ASP B 288 8.11 -0.06 -29.08
C ASP B 288 8.10 -1.37 -28.29
N GLU B 289 8.32 -1.23 -26.95
CA GLU B 289 8.36 -2.39 -26.07
C GLU B 289 6.99 -3.15 -26.06
N LEU B 290 5.90 -2.43 -25.99
CA LEU B 290 4.60 -3.05 -25.96
C LEU B 290 4.34 -3.79 -27.33
N LEU B 291 4.69 -3.15 -28.42
CA LEU B 291 4.45 -3.76 -29.77
C LEU B 291 5.32 -4.99 -29.86
N GLU B 292 6.54 -4.96 -29.34
CA GLU B 292 7.47 -6.12 -29.36
C GLU B 292 6.87 -7.28 -28.63
N ILE B 293 6.34 -7.08 -27.44
CA ILE B 293 5.69 -8.16 -26.69
C ILE B 293 4.48 -8.72 -27.37
N MET B 294 3.66 -7.86 -27.93
CA MET B 294 2.47 -8.26 -28.74
C MET B 294 2.95 -9.16 -29.90
N ALA B 295 3.95 -8.69 -30.65
CA ALA B 295 4.42 -9.47 -31.81
C ALA B 295 4.90 -10.83 -31.38
N ARG B 296 5.67 -10.93 -30.29
CA ARG B 296 6.22 -12.23 -29.86
C ARG B 296 5.05 -13.18 -29.50
N LYS B 297 3.95 -12.62 -28.99
CA LYS B 297 2.80 -13.39 -28.57
C LYS B 297 1.75 -13.63 -29.68
N GLY B 298 1.89 -12.99 -30.82
CA GLY B 298 0.91 -13.06 -31.86
C GLY B 298 -0.32 -12.21 -31.71
N TYR B 299 -0.29 -11.23 -30.79
CA TYR B 299 -1.39 -10.35 -30.70
C TYR B 299 -1.30 -9.22 -31.68
N ARG B 300 -2.38 -8.89 -32.32
CA ARG B 300 -2.45 -7.81 -33.26
C ARG B 300 -3.23 -6.58 -32.76
N THR B 301 -4.09 -6.74 -31.76
CA THR B 301 -4.85 -5.65 -31.18
C THR B 301 -4.70 -5.69 -29.65
N LEU B 302 -4.91 -4.55 -29.01
CA LEU B 302 -5.09 -4.53 -27.56
C LEU B 302 -6.31 -5.25 -27.06
N GLU B 303 -7.41 -5.20 -27.83
CA GLU B 303 -8.65 -5.82 -27.42
C GLU B 303 -8.52 -7.37 -27.32
N GLU B 304 -7.55 -7.95 -27.99
CA GLU B 304 -7.34 -9.39 -27.90
C GLU B 304 -6.99 -9.85 -26.53
N PHE B 305 -6.31 -8.99 -25.77
CA PHE B 305 -5.89 -9.41 -24.43
C PHE B 305 -6.28 -8.51 -23.28
N ARG B 306 -6.96 -7.42 -23.55
CA ARG B 306 -7.32 -6.50 -22.44
C ARG B 306 -8.29 -7.26 -21.53
N GLY B 307 -7.96 -7.26 -20.23
CA GLY B 307 -8.75 -7.88 -19.21
C GLY B 307 -8.70 -9.40 -19.21
N ARG B 308 -7.88 -9.97 -20.04
CA ARG B 308 -7.81 -11.43 -20.18
C ARG B 308 -6.75 -12.10 -19.33
N VAL B 309 -6.36 -11.46 -18.23
CA VAL B 309 -5.51 -12.13 -17.23
C VAL B 309 -6.15 -13.45 -16.86
N LYS B 310 -5.33 -14.47 -16.84
CA LYS B 310 -5.82 -15.80 -16.45
C LYS B 310 -5.71 -16.09 -14.92
N THR B 311 -6.69 -16.77 -14.37
CA THR B 311 -6.69 -17.23 -12.97
C THR B 311 -6.33 -18.68 -12.94
N ILE B 312 -5.99 -19.22 -11.77
CA ILE B 312 -5.64 -20.67 -11.62
C ILE B 312 -6.86 -21.42 -11.12
N GLU B 313 -7.30 -22.41 -11.93
CA GLU B 313 -8.62 -23.07 -11.86
C GLU B 313 -9.81 -22.07 -11.92
#